data_8R89
#
_entry.id   8R89
#
_cell.length_a   1.000
_cell.length_b   1.000
_cell.length_c   1.000
_cell.angle_alpha   90.00
_cell.angle_beta   90.00
_cell.angle_gamma   90.00
#
_symmetry.space_group_name_H-M   'P 1'
#
_entity_poly.entity_id   1
_entity_poly.type   'polypeptide(L)'
_entity_poly.pdbx_seq_one_letter_code
;SYQWQIFYRSLDGSGAKE
;
_entity_poly.pdbx_strand_id   A
#
# COMPACT_ATOMS: atom_id res chain seq x y z
N SER A 1 6.40 -0.18 -9.29
CA SER A 1 7.51 -1.08 -9.03
C SER A 1 8.02 -0.93 -7.60
N TYR A 2 7.10 -0.71 -6.67
CA TYR A 2 7.45 -0.54 -5.26
C TYR A 2 6.59 -1.45 -4.38
N GLN A 3 7.02 -1.61 -3.13
CA GLN A 3 6.30 -2.45 -2.18
C GLN A 3 4.82 -2.05 -2.13
N TRP A 4 4.57 -0.77 -1.91
CA TRP A 4 3.20 -0.26 -1.83
C TRP A 4 2.57 -0.20 -3.22
N GLN A 5 3.29 0.37 -4.17
CA GLN A 5 2.80 0.49 -5.53
C GLN A 5 2.32 -0.84 -6.06
N ILE A 6 2.84 -1.93 -5.49
CA ILE A 6 2.45 -3.27 -5.90
C ILE A 6 1.51 -3.91 -4.88
N PHE A 7 1.76 -3.65 -3.61
CA PHE A 7 0.93 -4.19 -2.54
C PHE A 7 -0.14 -3.20 -2.11
N TYR A 8 0.30 -2.11 -1.48
CA TYR A 8 -0.63 -1.08 -1.03
C TYR A 8 -1.75 -0.85 -2.03
N ARG A 9 -1.38 -0.84 -3.32
CA ARG A 9 -2.35 -0.63 -4.38
C ARG A 9 -3.61 -1.46 -4.14
N SER A 10 -3.42 -2.72 -3.80
CA SER A 10 -4.54 -3.63 -3.55
C SER A 10 -5.14 -3.37 -2.17
N LEU A 11 -4.30 -2.95 -1.24
CA LEU A 11 -4.75 -2.66 0.12
C LEU A 11 -5.55 -1.36 0.17
N ASP A 12 -6.69 -1.41 0.86
CA ASP A 12 -7.56 -0.23 0.98
C ASP A 12 -6.81 0.92 1.65
N GLY A 13 -6.04 0.60 2.68
CA GLY A 13 -5.28 1.62 3.40
C GLY A 13 -4.14 1.04 4.20
N SER A 14 -3.06 0.68 3.51
CA SER A 14 -1.89 0.10 4.18
C SER A 14 -1.25 1.10 5.13
N GLY A 15 -0.76 2.21 4.57
CA GLY A 15 -0.13 3.23 5.38
C GLY A 15 -1.06 3.79 6.44
N ALA A 16 -0.60 3.83 7.68
CA ALA A 16 -1.39 4.34 8.79
C ALA A 16 -1.82 5.79 8.54
N LYS A 17 -0.92 6.56 7.95
CA LYS A 17 -1.20 7.96 7.65
C LYS A 17 -2.37 8.09 6.69
N GLU A 18 -2.97 9.28 6.64
CA GLU A 18 -4.10 9.53 5.76
C GLU A 18 -3.73 9.25 4.30
N SER A 1 7.21 0.50 -9.82
CA SER A 1 7.02 -0.74 -9.08
C SER A 1 7.72 -0.68 -7.72
N TYR A 2 6.93 -0.81 -6.65
CA TYR A 2 7.45 -0.77 -5.30
C TYR A 2 6.61 -1.61 -4.35
N GLN A 3 7.03 -1.68 -3.10
CA GLN A 3 6.31 -2.45 -2.09
C GLN A 3 4.84 -2.07 -2.06
N TRP A 4 4.57 -0.78 -1.87
CA TRP A 4 3.21 -0.28 -1.82
C TRP A 4 2.59 -0.25 -3.21
N GLN A 5 3.34 0.28 -4.17
CA GLN A 5 2.86 0.37 -5.55
C GLN A 5 2.36 -0.99 -6.05
N ILE A 6 2.86 -2.05 -5.43
CA ILE A 6 2.47 -3.40 -5.81
C ILE A 6 1.51 -4.01 -4.78
N PHE A 7 1.76 -3.71 -3.51
CA PHE A 7 0.92 -4.21 -2.43
C PHE A 7 -0.15 -3.20 -2.04
N TYR A 8 0.27 -2.09 -1.44
CA TYR A 8 -0.65 -1.05 -1.02
C TYR A 8 -1.75 -0.86 -2.05
N ARG A 9 -1.38 -0.88 -3.32
CA ARG A 9 -2.33 -0.70 -4.41
C ARG A 9 -3.59 -1.52 -4.15
N SER A 10 -3.41 -2.78 -3.77
CA SER A 10 -4.54 -3.67 -3.51
C SER A 10 -5.15 -3.37 -2.13
N LEU A 11 -4.32 -2.93 -1.21
CA LEU A 11 -4.78 -2.60 0.14
C LEU A 11 -5.58 -1.30 0.15
N ASP A 12 -6.72 -1.32 0.83
CA ASP A 12 -7.58 -0.14 0.91
C ASP A 12 -6.82 1.03 1.55
N GLY A 13 -6.08 0.74 2.61
CA GLY A 13 -5.32 1.78 3.29
C GLY A 13 -4.19 1.22 4.11
N SER A 14 -3.11 0.84 3.44
CA SER A 14 -1.94 0.28 4.12
C SER A 14 -1.30 1.32 5.05
N GLY A 15 -0.59 0.84 6.06
CA GLY A 15 0.06 1.73 7.01
C GLY A 15 -0.23 1.36 8.45
N ALA A 16 0.55 1.92 9.37
CA ALA A 16 0.38 1.64 10.78
C ALA A 16 -0.98 2.12 11.28
N LYS A 17 -1.76 1.20 11.84
CA LYS A 17 -3.09 1.53 12.35
C LYS A 17 -3.02 2.68 13.35
N GLU A 18 -4.16 3.30 13.60
CA GLU A 18 -4.23 4.42 14.54
C GLU A 18 -3.74 4.01 15.92
N SER A 1 7.10 0.57 -9.77
CA SER A 1 7.02 -0.71 -9.07
C SER A 1 7.70 -0.63 -7.71
N TYR A 2 6.94 -0.84 -6.66
CA TYR A 2 7.47 -0.79 -5.30
C TYR A 2 6.61 -1.63 -4.35
N GLN A 3 7.04 -1.69 -3.08
CA GLN A 3 6.32 -2.46 -2.08
C GLN A 3 4.84 -2.08 -2.06
N TRP A 4 4.57 -0.78 -1.87
CA TRP A 4 3.21 -0.28 -1.82
C TRP A 4 2.59 -0.25 -3.22
N GLN A 5 3.34 0.27 -4.18
CA GLN A 5 2.87 0.35 -5.56
C GLN A 5 2.37 -1.01 -6.05
N ILE A 6 2.86 -2.07 -5.43
CA ILE A 6 2.47 -3.42 -5.80
C ILE A 6 1.52 -4.03 -4.76
N PHE A 7 1.76 -3.71 -3.50
CA PHE A 7 0.93 -4.21 -2.42
C PHE A 7 -0.15 -3.21 -2.03
N TYR A 8 0.28 -2.09 -1.44
CA TYR A 8 -0.64 -1.05 -1.02
C TYR A 8 -1.75 -0.86 -2.05
N ARG A 9 -1.37 -0.89 -3.33
CA ARG A 9 -2.32 -0.71 -4.41
C ARG A 9 -3.59 -1.53 -4.17
N SER A 10 -3.40 -2.79 -3.78
CA SER A 10 -4.53 -3.68 -3.50
C SER A 10 -5.15 -3.37 -2.13
N LEU A 11 -4.32 -2.91 -1.21
CA LEU A 11 -4.78 -2.58 0.14
C LEU A 11 -5.57 -1.28 0.13
N ASP A 12 -6.71 -1.30 0.82
CA ASP A 12 -7.58 -0.13 0.90
C ASP A 12 -6.83 1.04 1.53
N GLY A 13 -6.08 0.76 2.59
CA GLY A 13 -5.33 1.80 3.27
C GLY A 13 -4.18 1.25 4.10
N SER A 14 -3.11 0.86 3.44
CA SER A 14 -1.95 0.30 4.12
C SER A 14 -1.31 1.34 5.03
N GLY A 15 -1.10 0.96 6.29
CA GLY A 15 -0.50 1.86 7.26
C GLY A 15 -1.27 1.93 8.55
N ALA A 16 -1.57 3.15 9.01
CA ALA A 16 -2.32 3.34 10.24
C ALA A 16 -2.62 4.82 10.47
N LYS A 17 -3.54 5.08 11.40
CA LYS A 17 -3.93 6.45 11.72
C LYS A 17 -2.72 7.27 12.18
N GLU A 18 -2.84 8.58 12.13
CA GLU A 18 -1.76 9.46 12.55
C GLU A 18 -1.36 9.20 13.99
N SER A 1 7.36 0.39 -9.87
CA SER A 1 7.02 -0.79 -9.07
C SER A 1 7.71 -0.76 -7.72
N TYR A 2 6.92 -0.78 -6.66
CA TYR A 2 7.45 -0.74 -5.30
C TYR A 2 6.60 -1.59 -4.35
N GLN A 3 7.03 -1.67 -3.10
CA GLN A 3 6.31 -2.45 -2.09
C GLN A 3 4.84 -2.06 -2.07
N TRP A 4 4.57 -0.77 -1.86
CA TRP A 4 3.20 -0.28 -1.81
C TRP A 4 2.58 -0.23 -3.20
N GLN A 5 3.33 0.29 -4.17
CA GLN A 5 2.85 0.40 -5.55
C GLN A 5 2.35 -0.96 -6.05
N ILE A 6 2.85 -2.03 -5.44
CA ILE A 6 2.46 -3.38 -5.82
C ILE A 6 1.52 -3.99 -4.79
N PHE A 7 1.76 -3.69 -3.52
CA PHE A 7 0.93 -4.21 -2.44
C PHE A 7 -0.14 -3.20 -2.05
N TYR A 8 0.27 -2.09 -1.44
CA TYR A 8 -0.65 -1.06 -1.01
C TYR A 8 -1.76 -0.85 -2.04
N ARG A 9 -1.39 -0.87 -3.32
CA ARG A 9 -2.35 -0.69 -4.40
C ARG A 9 -3.60 -1.51 -4.15
N SER A 10 -3.41 -2.77 -3.77
CA SER A 10 -4.54 -3.66 -3.51
C SER A 10 -5.15 -3.38 -2.15
N LEU A 11 -4.32 -2.93 -1.21
CA LEU A 11 -4.78 -2.62 0.14
C LEU A 11 -5.58 -1.32 0.15
N ASP A 12 -6.72 -1.34 0.83
CA ASP A 12 -7.58 -0.16 0.93
C ASP A 12 -6.84 1.00 1.57
N GLY A 13 -6.08 0.70 2.63
CA GLY A 13 -5.33 1.74 3.32
C GLY A 13 -4.19 1.18 4.14
N SER A 14 -3.11 0.80 3.47
CA SER A 14 -1.94 0.25 4.14
C SER A 14 -1.31 1.27 5.07
N GLY A 15 -1.07 2.47 4.55
CA GLY A 15 -0.47 3.52 5.36
C GLY A 15 -0.96 4.90 4.96
N ALA A 16 -1.38 5.68 5.94
CA ALA A 16 -1.88 7.03 5.69
C ALA A 16 -0.78 7.92 5.11
N LYS A 17 0.34 8.01 5.82
CA LYS A 17 1.46 8.82 5.38
C LYS A 17 2.04 8.28 4.07
N GLU A 18 2.43 9.19 3.18
CA GLU A 18 3.00 8.80 1.90
C GLU A 18 4.29 8.00 2.10
N SER A 1 7.86 0.05 -9.87
CA SER A 1 7.44 -1.08 -9.05
C SER A 1 7.95 -0.93 -7.62
N TYR A 2 7.04 -0.70 -6.69
CA TYR A 2 7.40 -0.54 -5.29
C TYR A 2 6.55 -1.44 -4.39
N GLN A 3 6.98 -1.61 -3.15
CA GLN A 3 6.26 -2.44 -2.19
C GLN A 3 4.79 -2.05 -2.14
N TRP A 4 4.53 -0.76 -1.92
CA TRP A 4 3.17 -0.26 -1.84
C TRP A 4 2.52 -0.21 -3.22
N GLN A 5 3.25 0.36 -4.18
CA GLN A 5 2.75 0.48 -5.54
C GLN A 5 2.26 -0.87 -6.06
N ILE A 6 2.78 -1.94 -5.49
CA ILE A 6 2.39 -3.29 -5.90
C ILE A 6 1.46 -3.93 -4.86
N PHE A 7 1.72 -3.66 -3.59
CA PHE A 7 0.90 -4.20 -2.52
C PHE A 7 -0.17 -3.20 -2.09
N TYR A 8 0.26 -2.11 -1.46
CA TYR A 8 -0.67 -1.08 -1.00
C TYR A 8 -1.79 -0.86 -2.01
N ARG A 9 -1.43 -0.85 -3.29
CA ARG A 9 -2.41 -0.66 -4.35
C ARG A 9 -3.66 -1.49 -4.10
N SER A 10 -3.47 -2.76 -3.75
CA SER A 10 -4.58 -3.65 -3.49
C SER A 10 -5.18 -3.39 -2.10
N LEU A 11 -4.33 -2.96 -1.18
CA LEU A 11 -4.78 -2.66 0.18
C LEU A 11 -5.58 -1.37 0.23
N ASP A 12 -6.71 -1.40 0.92
CA ASP A 12 -7.57 -0.23 1.04
C ASP A 12 -6.82 0.93 1.71
N GLY A 13 -6.04 0.62 2.74
CA GLY A 13 -5.29 1.63 3.43
C GLY A 13 -4.13 1.06 4.23
N SER A 14 -3.06 0.70 3.54
CA SER A 14 -1.88 0.13 4.20
C SER A 14 -1.24 1.14 5.13
N GLY A 15 -1.62 1.07 6.41
CA GLY A 15 -1.07 1.99 7.40
C GLY A 15 -1.25 3.44 7.00
N ALA A 16 -2.42 3.99 7.33
CA ALA A 16 -2.72 5.38 7.01
C ALA A 16 -4.09 5.78 7.54
N LYS A 17 -5.14 5.23 6.95
CA LYS A 17 -6.50 5.53 7.36
C LYS A 17 -6.70 5.22 8.84
N GLU A 18 -6.89 6.26 9.64
CA GLU A 18 -7.09 6.11 11.08
C GLU A 18 -8.39 5.36 11.37
N SER A 1 7.93 -0.02 -9.91
CA SER A 1 7.43 -1.09 -9.06
C SER A 1 7.95 -0.94 -7.64
N TYR A 2 7.03 -0.72 -6.69
CA TYR A 2 7.39 -0.55 -5.29
C TYR A 2 6.55 -1.44 -4.40
N GLN A 3 6.98 -1.61 -3.15
CA GLN A 3 6.26 -2.45 -2.20
C GLN A 3 4.79 -2.05 -2.14
N TRP A 4 4.53 -0.76 -1.92
CA TRP A 4 3.17 -0.26 -1.84
C TRP A 4 2.52 -0.19 -3.22
N GLN A 5 3.24 0.37 -4.18
CA GLN A 5 2.74 0.49 -5.54
C GLN A 5 2.26 -0.85 -6.06
N ILE A 6 2.78 -1.93 -5.48
CA ILE A 6 2.39 -3.27 -5.89
C ILE A 6 1.46 -3.91 -4.87
N PHE A 7 1.72 -3.64 -3.60
CA PHE A 7 0.90 -4.19 -2.51
C PHE A 7 -0.17 -3.19 -2.09
N TYR A 8 0.27 -2.10 -1.46
CA TYR A 8 -0.65 -1.07 -0.99
C TYR A 8 -1.78 -0.85 -1.99
N ARG A 9 -1.43 -0.84 -3.27
CA ARG A 9 -2.41 -0.64 -4.34
C ARG A 9 -3.66 -1.47 -4.09
N SER A 10 -3.45 -2.74 -3.75
CA SER A 10 -4.57 -3.65 -3.48
C SER A 10 -5.17 -3.39 -2.11
N LEU A 11 -4.33 -2.95 -1.17
CA LEU A 11 -4.78 -2.66 0.18
C LEU A 11 -5.58 -1.37 0.23
N ASP A 12 -6.73 -1.42 0.91
CA ASP A 12 -7.60 -0.27 1.03
C ASP A 12 -6.87 0.89 1.72
N GLY A 13 -6.04 0.55 2.69
CA GLY A 13 -5.29 1.57 3.41
C GLY A 13 -4.16 0.98 4.24
N SER A 14 -3.06 0.64 3.56
CA SER A 14 -1.90 0.06 4.24
C SER A 14 -1.29 1.06 5.20
N GLY A 15 -0.91 2.23 4.68
CA GLY A 15 -0.31 3.25 5.51
C GLY A 15 -1.33 3.97 6.38
N ALA A 16 -1.59 5.23 6.07
CA ALA A 16 -2.54 6.03 6.83
C ALA A 16 -2.72 7.42 6.22
N LYS A 17 -3.78 8.11 6.62
CA LYS A 17 -4.06 9.44 6.11
C LYS A 17 -2.86 10.36 6.33
N GLU A 18 -2.16 10.67 5.25
CA GLU A 18 -1.00 11.54 5.31
C GLU A 18 -1.39 12.95 5.74
N SER A 1 6.32 -0.17 -9.28
CA SER A 1 7.46 -1.06 -9.04
C SER A 1 7.98 -0.89 -7.62
N TYR A 2 7.06 -0.68 -6.69
CA TYR A 2 7.42 -0.50 -5.28
C TYR A 2 6.58 -1.41 -4.38
N GLN A 3 7.02 -1.57 -3.14
CA GLN A 3 6.32 -2.42 -2.18
C GLN A 3 4.84 -2.04 -2.12
N TRP A 4 4.58 -0.76 -1.90
CA TRP A 4 3.21 -0.27 -1.81
C TRP A 4 2.55 -0.22 -3.19
N GLN A 5 3.27 0.35 -4.15
CA GLN A 5 2.76 0.47 -5.51
C GLN A 5 2.29 -0.88 -6.04
N ILE A 6 2.84 -1.95 -5.47
CA ILE A 6 2.48 -3.31 -5.88
C ILE A 6 1.55 -3.95 -4.87
N PHE A 7 1.78 -3.67 -3.59
CA PHE A 7 0.96 -4.23 -2.52
C PHE A 7 -0.12 -3.25 -2.10
N TYR A 8 0.28 -2.17 -1.44
CA TYR A 8 -0.66 -1.16 -0.99
C TYR A 8 -1.75 -0.90 -2.04
N ARG A 9 -1.34 -0.88 -3.30
CA ARG A 9 -2.28 -0.65 -4.39
C ARG A 9 -3.57 -1.45 -4.18
N SER A 10 -3.42 -2.72 -3.81
CA SER A 10 -4.57 -3.59 -3.58
C SER A 10 -5.18 -3.32 -2.21
N LEU A 11 -4.34 -2.95 -1.26
CA LEU A 11 -4.78 -2.68 0.10
C LEU A 11 -5.51 -1.33 0.17
N ASP A 12 -6.69 -1.34 0.78
CA ASP A 12 -7.49 -0.12 0.92
C ASP A 12 -6.72 0.94 1.71
N GLY A 13 -5.95 0.50 2.68
CA GLY A 13 -5.18 1.43 3.49
C GLY A 13 -3.91 0.80 4.03
N SER A 14 -2.76 1.36 3.65
CA SER A 14 -1.47 0.84 4.09
C SER A 14 -1.29 1.08 5.59
N GLY A 15 -1.23 2.35 5.98
CA GLY A 15 -1.05 2.69 7.38
C GLY A 15 0.40 2.64 7.81
N ALA A 16 0.65 1.99 8.93
CA ALA A 16 2.01 1.87 9.46
C ALA A 16 2.04 1.03 10.73
N LYS A 17 3.24 0.65 11.16
CA LYS A 17 3.40 -0.16 12.37
C LYS A 17 2.78 0.54 13.56
N GLU A 18 2.42 -0.25 14.58
CA GLU A 18 1.82 0.30 15.80
C GLU A 18 2.84 1.10 16.60
N SER A 1 7.87 0.02 -9.93
CA SER A 1 7.38 -1.06 -9.07
C SER A 1 7.91 -0.88 -7.64
N TYR A 2 6.99 -0.68 -6.70
CA TYR A 2 7.36 -0.50 -5.30
C TYR A 2 6.54 -1.41 -4.40
N GLN A 3 6.98 -1.56 -3.15
CA GLN A 3 6.28 -2.41 -2.20
C GLN A 3 4.81 -2.03 -2.12
N TRP A 4 4.54 -0.75 -1.90
CA TRP A 4 3.16 -0.27 -1.81
C TRP A 4 2.50 -0.22 -3.18
N GLN A 5 3.21 0.35 -4.15
CA GLN A 5 2.71 0.46 -5.51
C GLN A 5 2.23 -0.88 -6.03
N ILE A 6 2.79 -1.96 -5.47
CA ILE A 6 2.42 -3.31 -5.87
C ILE A 6 1.50 -3.96 -4.85
N PHE A 7 1.74 -3.68 -3.57
CA PHE A 7 0.93 -4.23 -2.49
C PHE A 7 -0.16 -3.25 -2.07
N TYR A 8 0.25 -2.17 -1.42
CA TYR A 8 -0.69 -1.15 -0.96
C TYR A 8 -1.78 -0.91 -2.00
N ARG A 9 -1.39 -0.89 -3.27
CA ARG A 9 -2.34 -0.68 -4.36
C ARG A 9 -3.62 -1.47 -4.13
N SER A 10 -3.47 -2.74 -3.76
CA SER A 10 -4.62 -3.61 -3.53
C SER A 10 -5.22 -3.34 -2.15
N LEU A 11 -4.37 -2.97 -1.20
CA LEU A 11 -4.82 -2.68 0.16
C LEU A 11 -5.54 -1.34 0.22
N ASP A 12 -6.71 -1.36 0.84
CA ASP A 12 -7.51 -0.14 0.98
C ASP A 12 -6.75 0.93 1.76
N GLY A 13 -5.96 0.50 2.73
CA GLY A 13 -5.19 1.43 3.53
C GLY A 13 -3.91 0.81 4.07
N SER A 14 -2.78 1.36 3.68
CA SER A 14 -1.48 0.86 4.11
C SER A 14 -1.28 1.11 5.61
N GLY A 15 -0.66 0.14 6.28
CA GLY A 15 -0.42 0.27 7.71
C GLY A 15 1.01 0.66 8.03
N ALA A 16 1.18 1.88 8.53
CA ALA A 16 2.51 2.37 8.88
C ALA A 16 3.22 1.41 9.84
N LYS A 17 4.51 1.19 9.59
CA LYS A 17 5.30 0.30 10.43
C LYS A 17 5.35 0.80 11.87
N GLU A 18 5.57 -0.11 12.81
CA GLU A 18 5.63 0.24 14.22
C GLU A 18 6.81 1.18 14.49
N SER A 1 7.85 0.02 -9.93
CA SER A 1 7.38 -1.06 -9.07
C SER A 1 7.91 -0.90 -7.64
N TYR A 2 6.99 -0.68 -6.70
CA TYR A 2 7.36 -0.50 -5.30
C TYR A 2 6.54 -1.41 -4.40
N GLN A 3 6.98 -1.56 -3.16
CA GLN A 3 6.28 -2.41 -2.20
C GLN A 3 4.81 -2.03 -2.12
N TRP A 4 4.54 -0.75 -1.90
CA TRP A 4 3.16 -0.27 -1.81
C TRP A 4 2.50 -0.22 -3.18
N GLN A 5 3.21 0.36 -4.15
CA GLN A 5 2.70 0.47 -5.51
C GLN A 5 2.23 -0.88 -6.03
N ILE A 6 2.79 -1.96 -5.47
CA ILE A 6 2.42 -3.31 -5.87
C ILE A 6 1.50 -3.96 -4.85
N PHE A 7 1.74 -3.68 -3.57
CA PHE A 7 0.93 -4.23 -2.49
C PHE A 7 -0.16 -3.25 -2.07
N TYR A 8 0.25 -2.17 -1.42
CA TYR A 8 -0.69 -1.15 -0.96
C TYR A 8 -1.78 -0.91 -2.00
N ARG A 9 -1.39 -0.89 -3.27
CA ARG A 9 -2.34 -0.68 -4.36
C ARG A 9 -3.62 -1.47 -4.14
N SER A 10 -3.47 -2.74 -3.76
CA SER A 10 -4.62 -3.61 -3.53
C SER A 10 -5.22 -3.34 -2.15
N LEU A 11 -4.36 -2.97 -1.20
CA LEU A 11 -4.81 -2.69 0.16
C LEU A 11 -5.54 -1.34 0.22
N ASP A 12 -6.71 -1.36 0.84
CA ASP A 12 -7.51 -0.14 0.98
C ASP A 12 -6.75 0.93 1.76
N GLY A 13 -5.96 0.49 2.74
CA GLY A 13 -5.19 1.42 3.54
C GLY A 13 -3.91 0.81 4.07
N SER A 14 -2.78 1.36 3.68
CA SER A 14 -1.48 0.85 4.12
C SER A 14 -1.29 1.09 5.62
N GLY A 15 -1.17 2.37 5.98
CA GLY A 15 -0.98 2.71 7.38
C GLY A 15 -0.25 4.03 7.57
N ALA A 16 -0.81 4.91 8.38
CA ALA A 16 -0.21 6.21 8.63
C ALA A 16 1.21 6.06 9.19
N LYS A 17 2.03 7.08 8.96
CA LYS A 17 3.41 7.07 9.44
C LYS A 17 3.47 6.84 10.95
N GLU A 18 4.55 6.22 11.41
CA GLU A 18 4.72 5.94 12.83
C GLU A 18 4.72 7.23 13.64
N SER A 1 7.91 -0.01 -9.90
CA SER A 1 7.43 -1.09 -9.06
C SER A 1 7.95 -0.94 -7.64
N TYR A 2 7.03 -0.72 -6.69
CA TYR A 2 7.40 -0.55 -5.30
C TYR A 2 6.55 -1.44 -4.40
N GLN A 3 6.98 -1.61 -3.15
CA GLN A 3 6.26 -2.45 -2.20
C GLN A 3 4.79 -2.05 -2.14
N TRP A 4 4.53 -0.76 -1.92
CA TRP A 4 3.17 -0.26 -1.84
C TRP A 4 2.53 -0.19 -3.22
N GLN A 5 3.24 0.37 -4.18
CA GLN A 5 2.74 0.49 -5.54
C GLN A 5 2.25 -0.85 -6.06
N ILE A 6 2.78 -1.93 -5.48
CA ILE A 6 2.39 -3.27 -5.89
C ILE A 6 1.46 -3.91 -4.87
N PHE A 7 1.72 -3.64 -3.60
CA PHE A 7 0.90 -4.19 -2.51
C PHE A 7 -0.17 -3.19 -2.09
N TYR A 8 0.27 -2.10 -1.46
CA TYR A 8 -0.65 -1.07 -0.99
C TYR A 8 -1.78 -0.85 -1.99
N ARG A 9 -1.43 -0.84 -3.27
CA ARG A 9 -2.41 -0.64 -4.34
C ARG A 9 -3.66 -1.47 -4.09
N SER A 10 -3.45 -2.74 -3.75
CA SER A 10 -4.57 -3.65 -3.48
C SER A 10 -5.17 -3.39 -2.11
N LEU A 11 -4.33 -2.95 -1.17
CA LEU A 11 -4.78 -2.66 0.18
C LEU A 11 -5.58 -1.37 0.23
N ASP A 12 -6.73 -1.43 0.91
CA ASP A 12 -7.60 -0.27 1.03
C ASP A 12 -6.88 0.89 1.71
N GLY A 13 -6.03 0.55 2.69
CA GLY A 13 -5.29 1.57 3.41
C GLY A 13 -4.15 0.98 4.23
N SER A 14 -3.06 0.64 3.56
CA SER A 14 -1.91 0.07 4.23
C SER A 14 -1.28 1.07 5.20
N GLY A 15 -0.90 0.59 6.38
CA GLY A 15 -0.30 1.46 7.37
C GLY A 15 -1.23 1.74 8.53
N ALA A 16 -0.77 1.46 9.75
CA ALA A 16 -1.56 1.68 10.95
C ALA A 16 -2.01 3.14 11.04
N LYS A 17 -1.08 4.05 10.77
CA LYS A 17 -1.38 5.48 10.83
C LYS A 17 -2.62 5.81 9.98
N GLU A 18 -2.73 5.18 8.83
CA GLU A 18 -3.86 5.40 7.94
C GLU A 18 -5.14 4.85 8.54
N SER A 1 7.86 0.02 -9.92
CA SER A 1 7.38 -1.06 -9.07
C SER A 1 7.91 -0.88 -7.64
N TYR A 2 6.99 -0.68 -6.70
CA TYR A 2 7.36 -0.50 -5.30
C TYR A 2 6.54 -1.41 -4.40
N GLN A 3 6.98 -1.57 -3.16
CA GLN A 3 6.28 -2.41 -2.19
C GLN A 3 4.81 -2.03 -2.12
N TRP A 4 4.53 -0.75 -1.91
CA TRP A 4 3.16 -0.27 -1.81
C TRP A 4 2.51 -0.22 -3.19
N GLN A 5 3.22 0.36 -4.16
CA GLN A 5 2.71 0.46 -5.51
C GLN A 5 2.23 -0.89 -6.03
N ILE A 6 2.79 -1.96 -5.47
CA ILE A 6 2.42 -3.31 -5.87
C ILE A 6 1.50 -3.96 -4.85
N PHE A 7 1.74 -3.68 -3.57
CA PHE A 7 0.93 -4.23 -2.49
C PHE A 7 -0.16 -3.25 -2.07
N TYR A 8 0.25 -2.17 -1.42
CA TYR A 8 -0.69 -1.15 -0.96
C TYR A 8 -1.78 -0.91 -2.00
N ARG A 9 -1.39 -0.89 -3.27
CA ARG A 9 -2.34 -0.68 -4.36
C ARG A 9 -3.62 -1.47 -4.13
N SER A 10 -3.47 -2.74 -3.76
CA SER A 10 -4.62 -3.61 -3.53
C SER A 10 -5.22 -3.34 -2.15
N LEU A 11 -4.37 -2.97 -1.20
CA LEU A 11 -4.80 -2.68 0.16
C LEU A 11 -5.54 -1.34 0.22
N ASP A 12 -6.71 -1.36 0.84
CA ASP A 12 -7.51 -0.14 0.98
C ASP A 12 -6.75 0.93 1.76
N GLY A 13 -5.95 0.50 2.72
CA GLY A 13 -5.18 1.43 3.53
C GLY A 13 -3.91 0.80 4.08
N SER A 14 -2.76 1.36 3.68
CA SER A 14 -1.47 0.85 4.12
C SER A 14 -1.29 1.09 5.62
N GLY A 15 -1.22 2.36 6.00
CA GLY A 15 -1.04 2.70 7.40
C GLY A 15 -0.52 4.12 7.58
N ALA A 16 -1.34 5.10 7.21
CA ALA A 16 -0.95 6.50 7.33
C ALA A 16 -0.62 6.85 8.77
N LYS A 17 0.56 7.42 8.99
CA LYS A 17 1.00 7.81 10.33
C LYS A 17 -0.01 8.76 10.98
N GLU A 18 -0.35 9.83 10.26
CA GLU A 18 -1.30 10.81 10.77
C GLU A 18 -1.76 11.76 9.66
N SER A 1 5.68 -0.90 -8.96
CA SER A 1 7.13 -0.83 -9.06
C SER A 1 7.78 -0.95 -7.68
N TYR A 2 7.09 -0.43 -6.67
CA TYR A 2 7.60 -0.48 -5.30
C TYR A 2 6.75 -1.40 -4.44
N GLN A 3 7.14 -1.54 -3.17
CA GLN A 3 6.41 -2.40 -2.24
C GLN A 3 4.94 -2.04 -2.20
N TRP A 4 4.64 -0.81 -1.81
CA TRP A 4 3.26 -0.34 -1.73
C TRP A 4 2.64 -0.25 -3.12
N GLN A 5 3.38 0.34 -4.05
CA GLN A 5 2.89 0.50 -5.42
C GLN A 5 2.40 -0.83 -5.98
N ILE A 6 2.90 -1.93 -5.41
CA ILE A 6 2.52 -3.26 -5.86
C ILE A 6 1.55 -3.91 -4.87
N PHE A 7 1.78 -3.66 -3.59
CA PHE A 7 0.93 -4.22 -2.54
C PHE A 7 -0.14 -3.22 -2.11
N TYR A 8 0.28 -2.14 -1.46
CA TYR A 8 -0.64 -1.11 -1.00
C TYR A 8 -1.74 -0.86 -2.03
N ARG A 9 -1.34 -0.83 -3.30
CA ARG A 9 -2.29 -0.60 -4.39
C ARG A 9 -3.56 -1.41 -4.20
N SER A 10 -3.39 -2.68 -3.86
CA SER A 10 -4.52 -3.58 -3.64
C SER A 10 -5.15 -3.33 -2.27
N LEU A 11 -4.32 -2.93 -1.31
CA LEU A 11 -4.79 -2.66 0.04
C LEU A 11 -5.57 -1.36 0.10
N ASP A 12 -6.73 -1.39 0.77
CA ASP A 12 -7.57 -0.21 0.91
C ASP A 12 -6.81 0.92 1.60
N GLY A 13 -6.08 0.57 2.65
CA GLY A 13 -5.32 1.57 3.39
C GLY A 13 -4.20 0.96 4.20
N SER A 14 -3.11 0.61 3.51
CA SER A 14 -1.96 0.00 4.17
C SER A 14 -1.32 0.99 5.15
N GLY A 15 -1.14 0.54 6.39
CA GLY A 15 -0.54 1.39 7.41
C GLY A 15 -1.27 1.31 8.73
N ALA A 16 -2.17 2.26 8.98
CA ALA A 16 -2.92 2.29 10.22
C ALA A 16 -3.93 3.44 10.22
N LYS A 17 -4.73 3.52 11.28
CA LYS A 17 -5.74 4.57 11.40
C LYS A 17 -5.10 5.95 11.30
N GLU A 18 -5.84 6.91 10.75
CA GLU A 18 -5.34 8.27 10.60
C GLU A 18 -5.33 9.00 11.94
N SER A 1 5.68 -0.93 -8.96
CA SER A 1 7.13 -0.82 -9.06
C SER A 1 7.78 -0.93 -7.69
N TYR A 2 7.08 -0.43 -6.67
CA TYR A 2 7.59 -0.48 -5.30
C TYR A 2 6.75 -1.41 -4.43
N GLN A 3 7.14 -1.54 -3.17
CA GLN A 3 6.42 -2.40 -2.24
C GLN A 3 4.94 -2.04 -2.20
N TRP A 4 4.64 -0.81 -1.81
CA TRP A 4 3.26 -0.34 -1.73
C TRP A 4 2.63 -0.25 -3.11
N GLN A 5 3.38 0.35 -4.06
CA GLN A 5 2.89 0.50 -5.42
C GLN A 5 2.40 -0.83 -5.98
N ILE A 6 2.91 -1.93 -5.43
CA ILE A 6 2.52 -3.26 -5.86
C ILE A 6 1.55 -3.91 -4.87
N PHE A 7 1.78 -3.66 -3.59
CA PHE A 7 0.93 -4.22 -2.54
C PHE A 7 -0.14 -3.22 -2.11
N TYR A 8 0.28 -2.15 -1.47
CA TYR A 8 -0.64 -1.11 -1.00
C TYR A 8 -1.74 -0.86 -2.03
N ARG A 9 -1.34 -0.83 -3.30
CA ARG A 9 -2.29 -0.60 -4.39
C ARG A 9 -3.56 -1.41 -4.20
N SER A 10 -3.39 -2.68 -3.86
CA SER A 10 -4.52 -3.58 -3.64
C SER A 10 -5.15 -3.33 -2.27
N LEU A 11 -4.32 -2.93 -1.31
CA LEU A 11 -4.79 -2.66 0.04
C LEU A 11 -5.57 -1.36 0.10
N ASP A 12 -6.72 -1.39 0.78
CA ASP A 12 -7.57 -0.21 0.91
C ASP A 12 -6.81 0.93 1.60
N GLY A 13 -6.08 0.58 2.66
CA GLY A 13 -5.32 1.57 3.39
C GLY A 13 -4.20 0.96 4.20
N SER A 14 -3.11 0.60 3.52
CA SER A 14 -1.96 0.00 4.17
C SER A 14 -1.32 0.99 5.15
N GLY A 15 -1.03 2.19 4.67
CA GLY A 15 -0.42 3.20 5.52
C GLY A 15 1.03 3.45 5.16
N ALA A 16 1.48 4.70 5.35
CA ALA A 16 2.84 5.08 5.04
C ALA A 16 3.12 6.52 5.43
N LYS A 17 4.38 6.94 5.29
CA LYS A 17 4.77 8.31 5.62
C LYS A 17 4.06 9.31 4.73
N GLU A 18 4.05 9.04 3.42
CA GLU A 18 3.40 9.93 2.46
C GLU A 18 1.89 9.87 2.61
N SER A 1 5.56 -0.99 -8.92
CA SER A 1 7.00 -0.85 -9.05
C SER A 1 7.68 -0.94 -7.69
N TYR A 2 6.99 -0.46 -6.65
CA TYR A 2 7.53 -0.49 -5.30
C TYR A 2 6.70 -1.41 -4.41
N GLN A 3 7.12 -1.53 -3.15
CA GLN A 3 6.41 -2.37 -2.19
C GLN A 3 4.93 -2.02 -2.13
N TRP A 4 4.64 -0.77 -1.80
CA TRP A 4 3.26 -0.31 -1.72
C TRP A 4 2.62 -0.22 -3.10
N GLN A 5 3.35 0.37 -4.05
CA GLN A 5 2.85 0.52 -5.40
C GLN A 5 2.39 -0.82 -5.96
N ILE A 6 2.92 -1.91 -5.41
CA ILE A 6 2.56 -3.24 -5.86
C ILE A 6 1.60 -3.91 -4.88
N PHE A 7 1.82 -3.66 -3.59
CA PHE A 7 0.98 -4.23 -2.55
C PHE A 7 -0.11 -3.26 -2.13
N TYR A 8 0.30 -2.19 -1.44
CA TYR A 8 -0.64 -1.18 -0.98
C TYR A 8 -1.72 -0.90 -2.04
N ARG A 9 -1.29 -0.86 -3.30
CA ARG A 9 -2.21 -0.60 -4.40
C ARG A 9 -3.50 -1.39 -4.23
N SER A 10 -3.37 -2.67 -3.88
CA SER A 10 -4.53 -3.53 -3.69
C SER A 10 -5.16 -3.30 -2.33
N LEU A 11 -4.32 -2.95 -1.35
CA LEU A 11 -4.80 -2.70 0.01
C LEU A 11 -5.52 -1.36 0.10
N ASP A 12 -6.70 -1.36 0.69
CA ASP A 12 -7.50 -0.15 0.84
C ASP A 12 -6.74 0.90 1.66
N GLY A 13 -5.98 0.43 2.64
CA GLY A 13 -5.21 1.34 3.48
C GLY A 13 -3.95 0.69 4.02
N SER A 14 -2.80 1.25 3.66
CA SER A 14 -1.52 0.72 4.12
C SER A 14 -1.35 0.93 5.62
N GLY A 15 -0.91 -0.12 6.30
CA GLY A 15 -0.71 -0.03 7.74
C GLY A 15 -1.26 -1.23 8.48
N ALA A 16 -2.40 -1.73 8.02
CA ALA A 16 -3.03 -2.89 8.64
C ALA A 16 -2.06 -4.08 8.71
N LYS A 17 -1.24 -4.22 7.68
CA LYS A 17 -0.26 -5.31 7.61
C LYS A 17 0.59 -5.34 8.88
N GLU A 18 1.01 -4.16 9.35
CA GLU A 18 1.83 -4.06 10.54
C GLU A 18 1.95 -2.61 11.00
N SER A 1 7.67 0.28 -9.83
CA SER A 1 7.29 -0.94 -9.12
C SER A 1 7.96 -0.99 -7.75
N TYR A 2 7.16 -0.90 -6.70
CA TYR A 2 7.67 -0.94 -5.33
C TYR A 2 6.74 -1.74 -4.43
N GLN A 3 7.13 -1.87 -3.16
CA GLN A 3 6.34 -2.61 -2.19
C GLN A 3 4.90 -2.11 -2.17
N TRP A 4 4.73 -0.83 -1.85
CA TRP A 4 3.40 -0.22 -1.79
C TRP A 4 2.80 -0.11 -3.18
N GLN A 5 3.60 0.33 -4.14
CA GLN A 5 3.13 0.47 -5.52
C GLN A 5 2.49 -0.82 -6.01
N ILE A 6 2.85 -1.94 -5.40
CA ILE A 6 2.31 -3.23 -5.78
C ILE A 6 1.40 -3.79 -4.69
N PHE A 7 1.65 -3.39 -3.45
CA PHE A 7 0.86 -3.84 -2.32
C PHE A 7 -0.24 -2.83 -1.98
N TYR A 8 0.17 -1.62 -1.64
CA TYR A 8 -0.76 -0.56 -1.29
C TYR A 8 -2.01 -0.62 -2.17
N ARG A 9 -1.80 -0.66 -3.48
CA ARG A 9 -2.90 -0.71 -4.43
C ARG A 9 -4.01 -1.62 -3.92
N SER A 10 -3.76 -2.93 -3.93
CA SER A 10 -4.74 -3.91 -3.47
C SER A 10 -5.17 -3.60 -2.04
N LEU A 11 -4.29 -2.95 -1.28
CA LEU A 11 -4.59 -2.60 0.10
C LEU A 11 -5.59 -1.46 0.18
N ASP A 12 -6.61 -1.61 1.00
CA ASP A 12 -7.63 -0.59 1.16
C ASP A 12 -7.03 0.71 1.69
N GLY A 13 -5.96 0.58 2.48
CA GLY A 13 -5.31 1.75 3.04
C GLY A 13 -4.10 1.39 3.89
N SER A 14 -3.00 1.05 3.23
CA SER A 14 -1.79 0.68 3.93
C SER A 14 -1.26 1.83 4.78
N GLY A 15 -1.63 3.06 4.39
CA GLY A 15 -1.20 4.23 5.12
C GLY A 15 -2.07 5.44 4.83
N ALA A 16 -1.46 6.47 4.25
CA ALA A 16 -2.17 7.69 3.93
C ALA A 16 -1.28 8.67 3.17
N LYS A 17 -1.90 9.58 2.42
CA LYS A 17 -1.16 10.56 1.65
C LYS A 17 -0.21 11.36 2.55
N GLU A 18 0.99 11.59 2.04
CA GLU A 18 2.00 12.33 2.79
C GLU A 18 1.59 13.79 2.96
N SER A 1 6.19 -0.81 -9.05
CA SER A 1 7.55 -1.35 -8.95
C SER A 1 7.98 -1.46 -7.49
N TYR A 2 7.44 -0.58 -6.64
CA TYR A 2 7.77 -0.58 -5.22
C TYR A 2 6.81 -1.47 -4.44
N GLN A 3 7.18 -1.77 -3.20
CA GLN A 3 6.35 -2.61 -2.35
C GLN A 3 4.93 -2.10 -2.29
N TRP A 4 4.76 -0.84 -1.90
CA TRP A 4 3.44 -0.23 -1.81
C TRP A 4 2.82 -0.07 -3.19
N GLN A 5 3.63 0.41 -4.14
CA GLN A 5 3.15 0.61 -5.50
C GLN A 5 2.50 -0.65 -6.05
N ILE A 6 2.85 -1.80 -5.47
CA ILE A 6 2.30 -3.08 -5.90
C ILE A 6 1.39 -3.66 -4.83
N PHE A 7 1.65 -3.30 -3.57
CA PHE A 7 0.87 -3.80 -2.45
C PHE A 7 -0.22 -2.80 -2.07
N TYR A 8 0.20 -1.61 -1.67
CA TYR A 8 -0.73 -0.55 -1.26
C TYR A 8 -1.98 -0.58 -2.15
N ARG A 9 -1.78 -0.56 -3.46
CA ARG A 9 -2.89 -0.58 -4.40
C ARG A 9 -4.00 -1.52 -3.93
N SER A 10 -3.73 -2.82 -4.01
CA SER A 10 -4.71 -3.82 -3.59
C SER A 10 -5.13 -3.59 -2.15
N LEU A 11 -4.26 -2.97 -1.37
CA LEU A 11 -4.55 -2.69 0.03
C LEU A 11 -5.56 -1.55 0.17
N ASP A 12 -6.55 -1.76 1.02
CA ASP A 12 -7.59 -0.75 1.24
C ASP A 12 -6.99 0.54 1.76
N GLY A 13 -5.92 0.43 2.55
CA GLY A 13 -5.26 1.59 3.09
C GLY A 13 -4.03 1.24 3.91
N SER A 14 -2.94 0.88 3.22
CA SER A 14 -1.70 0.51 3.89
C SER A 14 -1.16 1.68 4.71
N GLY A 15 -1.13 1.51 6.02
CA GLY A 15 -0.62 2.55 6.89
C GLY A 15 -1.29 2.54 8.25
N ALA A 16 -2.62 2.51 8.26
CA ALA A 16 -3.37 2.49 9.51
C ALA A 16 -3.07 1.24 10.33
N LYS A 17 -3.37 0.08 9.75
CA LYS A 17 -3.12 -1.20 10.42
C LYS A 17 -1.66 -1.31 10.84
N GLU A 18 -1.40 -2.22 11.79
CA GLU A 18 -0.04 -2.42 12.28
C GLU A 18 0.86 -2.95 11.17
N SER A 1 7.45 -1.84 -9.47
CA SER A 1 7.53 -0.44 -9.08
C SER A 1 8.02 -0.29 -7.65
N TYR A 2 7.15 -0.59 -6.69
CA TYR A 2 7.50 -0.49 -5.28
C TYR A 2 6.63 -1.41 -4.44
N GLN A 3 7.04 -1.63 -3.20
CA GLN A 3 6.29 -2.50 -2.28
C GLN A 3 4.82 -2.08 -2.23
N TRP A 4 4.59 -0.80 -1.95
CA TRP A 4 3.23 -0.28 -1.86
C TRP A 4 2.59 -0.19 -3.24
N GLN A 5 3.32 0.37 -4.19
CA GLN A 5 2.82 0.52 -5.56
C GLN A 5 2.33 -0.81 -6.10
N ILE A 6 2.82 -1.91 -5.52
CA ILE A 6 2.42 -3.24 -5.95
C ILE A 6 1.50 -3.90 -4.92
N PHE A 7 1.71 -3.57 -3.65
CA PHE A 7 0.90 -4.12 -2.58
C PHE A 7 -0.15 -3.11 -2.11
N TYR A 8 0.31 -2.07 -1.42
CA TYR A 8 -0.59 -1.03 -0.91
C TYR A 8 -1.78 -0.84 -1.85
N ARG A 9 -1.49 -0.74 -3.14
CA ARG A 9 -2.54 -0.55 -4.14
C ARG A 9 -3.77 -1.39 -3.81
N SER A 10 -3.61 -2.71 -3.89
CA SER A 10 -4.71 -3.63 -3.61
C SER A 10 -5.26 -3.39 -2.21
N LEU A 11 -4.39 -2.96 -1.30
CA LEU A 11 -4.80 -2.70 0.08
C LEU A 11 -5.63 -1.41 0.17
N ASP A 12 -6.73 -1.48 0.91
CA ASP A 12 -7.61 -0.33 1.08
C ASP A 12 -6.85 0.84 1.69
N GLY A 13 -6.04 0.55 2.70
CA GLY A 13 -5.27 1.60 3.35
C GLY A 13 -4.08 1.06 4.11
N SER A 14 -3.03 0.69 3.38
CA SER A 14 -1.83 0.14 3.98
C SER A 14 -1.15 1.18 4.87
N GLY A 15 -0.81 2.33 4.28
CA GLY A 15 -0.17 3.39 5.03
C GLY A 15 -1.03 3.91 6.17
N ALA A 16 -0.43 4.04 7.35
CA ALA A 16 -1.15 4.52 8.52
C ALA A 16 -1.72 5.91 8.28
N LYS A 17 -2.41 6.45 9.28
CA LYS A 17 -3.00 7.79 9.18
C LYS A 17 -3.61 8.21 10.51
N GLU A 18 -3.68 9.52 10.72
CA GLU A 18 -4.25 10.06 11.96
C GLU A 18 -4.54 11.54 11.82
N SER A 1 5.91 -0.91 -8.98
CA SER A 1 7.37 -1.07 -9.05
C SER A 1 7.96 -1.26 -7.67
N TYR A 2 7.33 -0.65 -6.67
CA TYR A 2 7.80 -0.74 -5.29
C TYR A 2 6.86 -1.60 -4.46
N GLN A 3 7.21 -1.80 -3.19
CA GLN A 3 6.40 -2.59 -2.28
C GLN A 3 4.96 -2.09 -2.25
N TRP A 4 4.78 -0.85 -1.82
CA TRP A 4 3.45 -0.25 -1.74
C TRP A 4 2.85 -0.08 -3.13
N GLN A 5 3.66 0.40 -4.07
CA GLN A 5 3.19 0.61 -5.44
C GLN A 5 2.56 -0.66 -6.00
N ILE A 6 2.92 -1.80 -5.41
CA ILE A 6 2.38 -3.08 -5.85
C ILE A 6 1.46 -3.68 -4.80
N PHE A 7 1.70 -3.31 -3.54
CA PHE A 7 0.88 -3.81 -2.44
C PHE A 7 -0.22 -2.81 -2.07
N TYR A 8 0.21 -1.62 -1.65
CA TYR A 8 -0.73 -0.57 -1.26
C TYR A 8 -1.97 -0.59 -2.15
N ARG A 9 -1.74 -0.58 -3.47
CA ARG A 9 -2.85 -0.61 -4.42
C ARG A 9 -3.96 -1.54 -3.96
N SER A 10 -3.71 -2.84 -4.02
CA SER A 10 -4.70 -3.83 -3.61
C SER A 10 -5.15 -3.58 -2.17
N LEU A 11 -4.27 -2.96 -1.38
CA LEU A 11 -4.58 -2.67 0.02
C LEU A 11 -5.59 -1.52 0.12
N ASP A 12 -6.59 -1.71 0.97
CA ASP A 12 -7.63 -0.70 1.16
C ASP A 12 -7.02 0.60 1.69
N GLY A 13 -5.97 0.46 2.49
CA GLY A 13 -5.32 1.64 3.05
C GLY A 13 -4.10 1.28 3.89
N SER A 14 -3.01 0.91 3.22
CA SER A 14 -1.78 0.54 3.91
C SER A 14 -1.24 1.71 4.74
N GLY A 15 -0.12 1.48 5.42
CA GLY A 15 0.48 2.52 6.23
C GLY A 15 -0.38 2.88 7.42
N ALA A 16 -1.07 1.90 7.97
CA ALA A 16 -1.93 2.11 9.12
C ALA A 16 -1.13 2.58 10.33
N LYS A 17 -1.46 3.75 10.85
CA LYS A 17 -0.77 4.31 12.00
C LYS A 17 -0.83 3.35 13.20
N GLU A 18 0.21 3.37 14.02
CA GLU A 18 0.26 2.50 15.19
C GLU A 18 -0.78 2.92 16.23
N SER A 1 8.00 -0.08 -9.91
CA SER A 1 7.47 -1.14 -9.06
C SER A 1 7.98 -0.98 -7.63
N TYR A 2 7.05 -0.71 -6.71
CA TYR A 2 7.40 -0.53 -5.31
C TYR A 2 6.54 -1.43 -4.42
N GLN A 3 6.97 -1.59 -3.17
CA GLN A 3 6.26 -2.43 -2.21
C GLN A 3 4.78 -2.03 -2.14
N TRP A 4 4.53 -0.75 -1.91
CA TRP A 4 3.16 -0.25 -1.82
C TRP A 4 2.52 -0.18 -3.21
N GLN A 5 3.23 0.38 -4.16
CA GLN A 5 2.73 0.52 -5.52
C GLN A 5 2.25 -0.83 -6.05
N ILE A 6 2.77 -1.91 -5.49
CA ILE A 6 2.38 -3.25 -5.90
C ILE A 6 1.45 -3.90 -4.88
N PHE A 7 1.72 -3.64 -3.60
CA PHE A 7 0.89 -4.19 -2.52
C PHE A 7 -0.17 -3.20 -2.09
N TYR A 8 0.25 -2.10 -1.46
CA TYR A 8 -0.67 -1.08 -0.99
C TYR A 8 -1.80 -0.85 -2.00
N ARG A 9 -1.44 -0.84 -3.28
CA ARG A 9 -2.42 -0.63 -4.34
C ARG A 9 -3.68 -1.47 -4.09
N SER A 10 -3.47 -2.74 -3.76
CA SER A 10 -4.58 -3.65 -3.50
C SER A 10 -5.18 -3.39 -2.12
N LEU A 11 -4.34 -2.97 -1.18
CA LEU A 11 -4.78 -2.68 0.18
C LEU A 11 -5.58 -1.39 0.24
N ASP A 12 -6.72 -1.43 0.93
CA ASP A 12 -7.58 -0.26 1.07
C ASP A 12 -6.84 0.89 1.73
N GLY A 13 -6.05 0.57 2.76
CA GLY A 13 -5.30 1.59 3.46
C GLY A 13 -4.15 1.01 4.26
N SER A 14 -3.07 0.65 3.56
CA SER A 14 -1.90 0.08 4.22
C SER A 14 -1.25 1.09 5.16
N GLY A 15 -0.89 0.62 6.36
CA GLY A 15 -0.27 1.49 7.33
C GLY A 15 -1.28 2.18 8.22
N ALA A 16 -1.33 3.51 8.15
CA ALA A 16 -2.26 4.28 8.96
C ALA A 16 -3.71 3.92 8.63
N LYS A 17 -4.43 3.41 9.62
CA LYS A 17 -5.82 3.02 9.43
C LYS A 17 -6.66 4.21 8.97
N GLU A 18 -7.78 3.92 8.32
CA GLU A 18 -8.67 4.97 7.83
C GLU A 18 -10.02 4.39 7.42
N SER A 1 8.00 -0.08 -9.91
CA SER A 1 7.47 -1.14 -9.06
C SER A 1 7.98 -0.97 -7.62
N TYR A 2 7.05 -0.72 -6.70
CA TYR A 2 7.40 -0.53 -5.31
C TYR A 2 6.55 -1.44 -4.41
N GLN A 3 6.97 -1.59 -3.17
CA GLN A 3 6.26 -2.43 -2.21
C GLN A 3 4.78 -2.03 -2.14
N TRP A 4 4.53 -0.75 -1.91
CA TRP A 4 3.16 -0.25 -1.82
C TRP A 4 2.52 -0.18 -3.21
N GLN A 5 3.23 0.38 -4.16
CA GLN A 5 2.74 0.52 -5.53
C GLN A 5 2.25 -0.83 -6.05
N ILE A 6 2.77 -1.91 -5.48
CA ILE A 6 2.38 -3.25 -5.90
C ILE A 6 1.45 -3.90 -4.88
N PHE A 7 1.72 -3.64 -3.60
CA PHE A 7 0.89 -4.19 -2.52
C PHE A 7 -0.18 -3.19 -2.10
N TYR A 8 0.25 -2.10 -1.46
CA TYR A 8 -0.67 -1.08 -0.99
C TYR A 8 -1.80 -0.85 -2.00
N ARG A 9 -1.44 -0.84 -3.28
CA ARG A 9 -2.42 -0.63 -4.34
C ARG A 9 -3.67 -1.46 -4.09
N SER A 10 -3.47 -2.74 -3.76
CA SER A 10 -4.58 -3.65 -3.50
C SER A 10 -5.18 -3.39 -2.12
N LEU A 11 -4.34 -2.97 -1.18
CA LEU A 11 -4.78 -2.68 0.18
C LEU A 11 -5.58 -1.39 0.24
N ASP A 12 -6.72 -1.43 0.93
CA ASP A 12 -7.59 -0.27 1.06
C ASP A 12 -6.84 0.89 1.73
N GLY A 13 -6.06 0.56 2.76
CA GLY A 13 -5.30 1.58 3.46
C GLY A 13 -4.15 1.00 4.26
N SER A 14 -3.07 0.65 3.57
CA SER A 14 -1.90 0.07 4.22
C SER A 14 -1.25 1.08 5.17
N GLY A 15 -1.02 2.29 4.67
CA GLY A 15 -0.42 3.33 5.49
C GLY A 15 0.25 4.40 4.66
N ALA A 16 0.82 4.00 3.52
CA ALA A 16 1.50 4.95 2.64
C ALA A 16 0.53 5.99 2.10
N LYS A 17 1.05 7.16 1.75
CA LYS A 17 0.23 8.23 1.22
C LYS A 17 1.09 9.42 0.77
N GLU A 18 0.60 10.19 -0.18
CA GLU A 18 1.33 11.34 -0.70
C GLU A 18 0.41 12.24 -1.53
#